data_2KH5
#
_entry.id   2KH5
#
_cell.length_a   1.000
_cell.length_b   1.000
_cell.length_c   1.000
_cell.angle_alpha   90.00
_cell.angle_beta   90.00
_cell.angle_gamma   90.00
#
_symmetry.space_group_name_H-M   'P 1'
#
loop_
_entity.id
_entity.type
_entity.pdbx_description
1 polymer "5'-D(*GP*TP*GP*CP*GP*(CTG)P*GP*TP*TP*TP*GP*T)-3'"
2 polymer "5'-D(*AP*CP*AP*AP*AP*CP*AP*CP*GP*CP*AP*C)-3'"
#
loop_
_entity_poly.entity_id
_entity_poly.type
_entity_poly.pdbx_seq_one_letter_code
_entity_poly.pdbx_strand_id
1 'polydeoxyribonucleotide' (DG)(DT)(DG)(DC)(DG)(CTG)(DG)(DT)(DT)(DT)(DG)(DT) A
2 'polydeoxyribonucleotide' (DA)(DC)(DA)(DA)(DA)(DC)(DA)(DC)(DG)(DC)(DA)(DC) B
#
loop_
_chem_comp.id
_chem_comp.type
_chem_comp.name
_chem_comp.formula
CTG DNA linking (5R,6S)-5,6-DIHYDRO-5,6-DIHYDROXYTHYMIDINE-5'-MONOPHOSPHATE 'C10 H17 N2 O10 P'
DA DNA linking 2'-DEOXYADENOSINE-5'-MONOPHOSPHATE 'C10 H14 N5 O6 P'
DC DNA linking 2'-DEOXYCYTIDINE-5'-MONOPHOSPHATE 'C9 H14 N3 O7 P'
DG DNA linking 2'-DEOXYGUANOSINE-5'-MONOPHOSPHATE 'C10 H14 N5 O7 P'
DT DNA linking THYMIDINE-5'-MONOPHOSPHATE 'C10 H15 N2 O8 P'
#
# COMPACT_ATOMS: atom_id res chain seq x y z
P CTG A 6 -4.20 2.43 -1.86
OP1 CTG A 6 -3.78 3.35 -2.96
OP2 CTG A 6 -5.63 2.13 -2.04
O5' CTG A 6 -3.33 1.08 -1.69
C5' CTG A 6 -2.12 0.90 -2.45
C4' CTG A 6 -0.93 1.74 -1.96
O4' CTG A 6 -0.54 1.28 -0.63
C1' CTG A 6 0.86 1.05 -0.58
N1 CTG A 6 1.25 0.13 0.51
C6 CTG A 6 0.64 -1.20 0.47
O6 CTG A 6 1.51 -2.11 -0.20
C2 CTG A 6 2.11 0.49 1.49
O2 CTG A 6 2.76 1.50 1.46
N3 CTG A 6 2.27 -0.31 2.52
C4 CTG A 6 1.52 -1.36 2.80
O4 CTG A 6 1.78 -1.95 3.82
C5 CTG A 6 0.32 -1.73 1.90
C5M CTG A 6 -0.93 -1.01 2.42
O5 CTG A 6 0.05 -3.14 1.87
C2' CTG A 6 1.17 0.59 -2.02
C3' CTG A 6 0.31 1.54 -2.85
O3' CTG A 6 1.02 2.78 -3.01
H71 CTG A 6 -1.15 -1.33 3.45
H72 CTG A 6 -0.76 0.07 2.42
H73 CTG A 6 -1.79 -1.24 1.80
HO5 CTG A 6 0.80 -3.57 1.54
H3 CTG A 6 3.00 -0.08 3.16
H1' CTG A 6 1.36 2.00 -0.45
H2' CTG A 6 0.84 -0.43 -2.18
H2'' CTG A 6 2.22 0.68 -2.25
H3' CTG A 6 0.07 1.12 -3.81
H4' CTG A 6 -1.19 2.80 -1.91
H5' CTG A 6 -2.32 1.12 -3.49
H5'' CTG A 6 -1.87 -0.15 -2.41
H6 CTG A 6 -0.29 -1.17 -0.06
HO6 CTG A 6 2.35 -1.71 -0.32
P CTG A 6 -4.19 2.18 -1.66
OP1 CTG A 6 -3.89 3.06 -2.81
OP2 CTG A 6 -5.60 1.71 -1.80
O5' CTG A 6 -3.19 0.92 -1.53
C5' CTG A 6 -2.00 0.84 -2.33
C4' CTG A 6 -0.85 1.73 -1.82
O4' CTG A 6 -0.45 1.31 -0.49
C1' CTG A 6 0.98 1.07 -0.44
N1 CTG A 6 1.39 0.12 0.60
C6 CTG A 6 0.76 -1.21 0.56
O6 CTG A 6 1.57 -2.12 -0.16
C2 CTG A 6 2.29 0.45 1.56
O2 CTG A 6 2.95 1.45 1.52
N3 CTG A 6 2.44 -0.35 2.59
C4 CTG A 6 1.69 -1.41 2.85
O4 CTG A 6 1.98 -2.01 3.85
C5 CTG A 6 0.47 -1.76 1.98
C5M CTG A 6 -0.76 -1.06 2.56
O5 CTG A 6 0.20 -3.17 1.92
C2' CTG A 6 1.27 0.64 -1.87
C3' CTG A 6 0.40 1.55 -2.72
O3' CTG A 6 1.06 2.82 -2.92
H71 CTG A 6 -0.97 -1.41 3.56
H72 CTG A 6 -0.60 0.02 2.60
H73 CTG A 6 -1.63 -1.26 1.93
HO5 CTG A 6 0.96 -3.61 1.58
H3 CTG A 6 3.19 -0.10 3.20
H1' CTG A 6 1.45 2.02 -0.30
H2' CTG A 6 0.98 -0.38 -2.04
H2'' CTG A 6 2.31 0.75 -2.12
H3' CTG A 6 0.16 1.10 -3.67
H4' CTG A 6 -1.15 2.77 -1.80
H5' CTG A 6 -2.22 1.07 -3.35
H5'' CTG A 6 -1.69 -0.19 -2.29
H6 CTG A 6 -0.19 -1.15 0.06
HO6 CTG A 6 2.46 -1.82 -0.22
P CTG A 6 -4.21 2.11 -1.48
OP1 CTG A 6 -3.95 2.93 -2.66
OP2 CTG A 6 -5.60 1.65 -1.52
O5' CTG A 6 -3.18 0.88 -1.33
C5' CTG A 6 -2.03 0.76 -2.19
C4' CTG A 6 -0.89 1.71 -1.81
O4' CTG A 6 -0.41 1.34 -0.49
C1' CTG A 6 1.00 1.06 -0.50
N1 CTG A 6 1.41 0.09 0.53
C6 CTG A 6 0.69 -1.19 0.53
O6 CTG A 6 1.44 -2.17 -0.20
C2 CTG A 6 2.37 0.36 1.45
O2 CTG A 6 3.11 1.31 1.39
N3 CTG A 6 2.52 -0.47 2.47
C4 CTG A 6 1.72 -1.47 2.78
O4 CTG A 6 2.00 -2.10 3.75
C5 CTG A 6 0.45 -1.72 1.96
C5M CTG A 6 -0.69 -0.91 2.59
O5 CTG A 6 0.05 -3.10 1.93
C2' CTG A 6 1.24 0.64 -1.95
C3' CTG A 6 0.32 1.55 -2.75
O3' CTG A 6 0.96 2.83 -2.95
H71 CTG A 6 -0.87 -1.24 3.62
H72 CTG A 6 -0.45 0.15 2.60
H73 CTG A 6 -1.62 -1.05 2.02
HO5 CTG A 6 0.70 -3.56 1.52
H3 CTG A 6 3.28 -0.27 3.09
H1' CTG A 6 1.51 2.00 -0.37
H2' CTG A 6 0.96 -0.39 -2.11
H2'' CTG A 6 2.26 0.76 -2.23
H3' CTG A 6 0.05 1.10 -3.70
H4' CTG A 6 -1.24 2.72 -1.80
H5' CTG A 6 -2.33 0.91 -3.20
H5'' CTG A 6 -1.68 -0.25 -2.12
H6 CTG A 6 -0.27 -1.11 0.05
HO6 CTG A 6 2.34 -1.90 -0.32
P CTG A 6 -4.35 1.73 -1.49
OP1 CTG A 6 -4.19 2.37 -2.82
OP2 CTG A 6 -5.73 1.19 -1.42
O5' CTG A 6 -3.25 0.57 -1.21
C5' CTG A 6 -2.00 0.54 -1.96
C4' CTG A 6 -0.99 1.61 -1.51
O4' CTG A 6 -0.50 1.27 -0.20
C1' CTG A 6 0.91 1.08 -0.18
N1 CTG A 6 1.37 0.06 0.80
C6 CTG A 6 0.64 -1.22 0.79
O6 CTG A 6 1.31 -2.18 -0.01
C2 CTG A 6 2.35 0.32 1.69
O2 CTG A 6 3.07 1.28 1.64
N3 CTG A 6 2.56 -0.54 2.67
C4 CTG A 6 1.76 -1.55 2.98
O4 CTG A 6 2.11 -2.21 3.92
C5 CTG A 6 0.45 -1.77 2.22
C5M CTG A 6 -0.66 -0.98 2.91
O5 CTG A 6 0.04 -3.16 2.15
C2' CTG A 6 1.25 0.76 -1.64
C3' CTG A 6 0.25 1.60 -2.43
O3' CTG A 6 0.75 2.95 -2.59
H71 CTG A 6 -0.81 -1.35 3.93
H72 CTG A 6 -0.41 0.08 2.96
H73 CTG A 6 -1.60 -1.08 2.36
HO5 CTG A 6 0.69 -3.63 1.72
H3 CTG A 6 3.35 -0.39 3.24
H1' CTG A 6 1.37 2.03 0.03
H2' CTG A 6 1.09 -0.28 -1.86
H2'' CTG A 6 2.25 1.04 -1.87
H3' CTG A 6 0.04 1.17 -3.39
H4' CTG A 6 -1.44 2.59 -1.51
H5' CTG A 6 -2.22 0.66 -3.00
H5'' CTG A 6 -1.57 -0.44 -1.84
H6 CTG A 6 -0.34 -1.08 0.37
HO6 CTG A 6 2.22 -1.97 -0.11
P CTG A 6 -4.17 2.23 -1.48
OP1 CTG A 6 -3.95 3.02 -2.72
OP2 CTG A 6 -5.53 1.63 -1.52
O5' CTG A 6 -3.08 1.05 -1.27
C5' CTG A 6 -1.83 1.05 -2.00
C4' CTG A 6 -0.85 2.11 -1.47
O4' CTG A 6 -0.37 1.68 -0.18
C1' CTG A 6 1.05 1.42 -0.19
N1 CTG A 6 1.47 0.32 0.70
C6 CTG A 6 0.65 -0.90 0.67
O6 CTG A 6 1.19 -1.86 -0.23
C2 CTG A 6 2.53 0.45 1.53
O2 CTG A 6 3.32 1.35 1.50
N3 CTG A 6 2.72 -0.47 2.46
C4 CTG A 6 1.86 -1.42 2.77
O4 CTG A 6 2.19 -2.17 3.64
C5 CTG A 6 0.49 -1.50 2.10
C5M CTG A 6 -0.50 -0.66 2.89
O5 CTG A 6 -0.03 -2.85 2.01
C2' CTG A 6 1.39 1.24 -1.66
C3' CTG A 6 0.42 2.17 -2.36
O3' CTG A 6 0.97 3.51 -2.34
H71 CTG A 6 -0.58 -1.03 3.92
H72 CTG A 6 -0.16 0.39 2.93
H73 CTG A 6 -1.49 -0.68 2.43
HO5 CTG A 6 0.65 -3.42 1.69
H3 CTG A 6 3.54 -0.36 3.02
H1' CTG A 6 1.54 2.33 0.11
H2' CTG A 6 1.20 0.22 -1.98
H2'' CTG A 6 2.42 1.49 -1.86
H3' CTG A 6 0.20 1.86 -3.38
H4' CTG A 6 -1.32 3.08 -1.40
H5' CTG A 6 -2.04 1.22 -3.05
H5'' CTG A 6 -1.39 0.08 -1.93
H6 CTG A 6 -0.35 -0.68 0.32
HO6 CTG A 6 2.12 -1.73 -0.29
P CTG A 6 -4.41 2.16 -1.66
OP1 CTG A 6 -4.16 2.91 -2.90
OP2 CTG A 6 -5.81 1.70 -1.66
O5' CTG A 6 -3.43 0.90 -1.41
C5' CTG A 6 -2.22 0.75 -2.18
C4' CTG A 6 -1.11 1.72 -1.77
O4' CTG A 6 -0.66 1.37 -0.45
C1' CTG A 6 0.76 1.14 -0.39
N1 CTG A 6 1.18 0.20 0.68
C6 CTG A 6 0.45 -1.07 0.72
O6 CTG A 6 1.13 -2.07 -0.07
C2 CTG A 6 2.17 0.50 1.55
O2 CTG A 6 2.88 1.44 1.45
N3 CTG A 6 2.36 -0.32 2.56
C4 CTG A 6 1.57 -1.32 2.93
O4 CTG A 6 1.92 -1.94 3.89
C5 CTG A 6 0.27 -1.58 2.17
C5M CTG A 6 -0.84 -0.77 2.85
O5 CTG A 6 -0.12 -2.97 2.16
C2' CTG A 6 1.08 0.72 -1.82
C3' CTG A 6 0.11 1.51 -2.68
O3' CTG A 6 0.69 2.80 -3.03
H71 CTG A 6 -0.99 -1.12 3.87
H72 CTG A 6 -0.60 0.29 2.86
H73 CTG A 6 -1.78 -0.90 2.29
HO5 CTG A 6 0.52 -3.44 1.68
H3 CTG A 6 3.15 -0.12 3.15
H1' CTG A 6 1.24 2.10 -0.25
H2' CTG A 6 0.91 -0.33 -1.97
H2'' CTG A 6 2.10 0.95 -2.06
H3' CTG A 6 -0.16 0.97 -3.58
H4' CTG A 6 -1.46 2.74 -1.78
H5' CTG A 6 -2.46 0.88 -3.22
H5'' CTG A 6 -1.87 -0.27 -2.07
H6 CTG A 6 -0.54 -0.97 0.29
HO6 CTG A 6 2.05 -1.92 -0.12
P CTG A 6 -4.29 1.30 -1.53
OP1 CTG A 6 -4.19 1.93 -2.86
OP2 CTG A 6 -5.60 0.64 -1.40
O5' CTG A 6 -3.15 0.19 -1.26
C5' CTG A 6 -1.92 0.21 -2.03
C4' CTG A 6 -0.96 1.33 -1.63
O4' CTG A 6 -0.51 1.10 -0.28
C1' CTG A 6 0.92 0.94 -0.22
N1 CTG A 6 1.37 -0.03 0.82
C6 CTG A 6 0.72 -1.34 0.80
O6 CTG A 6 1.45 -2.24 -0.04
C2 CTG A 6 2.34 0.27 1.70
O2 CTG A 6 3.04 1.24 1.65
N3 CTG A 6 2.54 -0.55 2.71
C4 CTG A 6 1.81 -1.60 3.01
O4 CTG A 6 2.16 -2.21 3.98
C5 CTG A 6 0.56 -1.96 2.21
C5M CTG A 6 -0.65 -1.29 2.89
O5 CTG A 6 0.31 -3.38 2.13
C2' CTG A 6 1.30 0.60 -1.65
C3' CTG A 6 0.29 1.32 -2.53
O3' CTG A 6 0.73 2.65 -2.79
H71 CTG A 6 -0.76 -1.68 3.91
H72 CTG A 6 -0.51 -0.21 2.94
H73 CTG A 6 -1.56 -1.50 2.33
HO5 CTG A 6 1.07 -3.78 1.73
H3 CTG A 6 3.33 -0.35 3.31
H1' CTG A 6 1.33 1.92 -0.02
H2' CTG A 6 1.23 -0.46 -1.83
H2'' CTG A 6 2.30 0.93 -1.86
H3' CTG A 6 0.10 0.78 -3.44
H4' CTG A 6 -1.45 2.29 -1.69
H5' CTG A 6 -2.17 0.26 -3.07
H5'' CTG A 6 -1.43 -0.75 -1.88
H6 CTG A 6 -0.27 -1.27 0.37
HO6 CTG A 6 2.37 -2.00 -0.05
P CTG A 6 -4.28 0.98 -1.56
OP1 CTG A 6 -4.40 1.58 -2.91
OP2 CTG A 6 -5.49 0.18 -1.32
O5' CTG A 6 -2.98 0.05 -1.39
C5' CTG A 6 -1.79 0.23 -2.20
C4' CTG A 6 -0.90 1.38 -1.72
O4' CTG A 6 -0.44 1.10 -0.38
C1' CTG A 6 0.98 0.94 -0.30
N1 CTG A 6 1.42 -0.05 0.71
C6 CTG A 6 0.82 -1.39 0.61
O6 CTG A 6 1.63 -2.26 -0.18
C2 CTG A 6 2.35 0.25 1.64
O2 CTG A 6 3.02 1.23 1.63
N3 CTG A 6 2.54 -0.61 2.62
C4 CTG A 6 1.82 -1.69 2.87
O4 CTG A 6 2.13 -2.31 3.84
C5 CTG A 6 0.58 -2.02 1.99
C5M CTG A 6 -0.65 -1.37 2.64
O5 CTG A 6 0.32 -3.43 1.84
C2' CTG A 6 1.36 0.65 -1.75
C3' CTG A 6 0.40 1.47 -2.57
O3' CTG A 6 0.87 2.83 -2.66
H71 CTG A 6 -0.81 -1.78 3.63
H72 CTG A 6 -0.51 -0.29 2.73
H73 CTG A 6 -1.54 -1.55 2.03
HO5 CTG A 6 1.08 -3.84 1.48
H3 CTG A 6 3.31 -0.41 3.22
H1' CTG A 6 1.39 1.92 -0.07
H2' CTG A 6 1.24 -0.41 -1.97
H2'' CTG A 6 2.38 0.94 -1.95
H3' CTG A 6 0.23 1.07 -3.56
H4' CTG A 6 -1.43 2.32 -1.75
H5' CTG A 6 -2.09 0.41 -3.23
H5'' CTG A 6 -1.24 -0.68 -2.20
H6 CTG A 6 -0.14 -1.33 0.11
HO6 CTG A 6 2.50 -1.93 -0.25
P CTG A 6 -4.47 1.29 -1.53
OP1 CTG A 6 -4.46 1.93 -2.85
OP2 CTG A 6 -5.77 0.63 -1.33
O5' CTG A 6 -3.32 0.19 -1.32
C5' CTG A 6 -2.15 0.15 -2.15
C4' CTG A 6 -1.08 1.17 -1.75
O4' CTG A 6 -0.62 0.85 -0.41
C1' CTG A 6 0.79 0.63 -0.36
N1 CTG A 6 1.21 -0.25 0.76
C6 CTG A 6 0.68 -1.62 0.71
O6 CTG A 6 1.59 -2.50 0.08
C2 CTG A 6 2.05 0.13 1.74
O2 CTG A 6 2.69 1.15 1.72
N3 CTG A 6 2.22 -0.65 2.78
C4 CTG A 6 1.51 -1.73 3.03
O4 CTG A 6 1.79 -2.32 4.05
C5 CTG A 6 0.34 -2.13 2.12
C5M CTG A 6 -0.93 -1.41 2.61
O5 CTG A 6 0.08 -3.55 2.08
C2' CTG A 6 1.10 0.15 -1.77
C3' CTG A 6 0.19 1.02 -2.63
O3' CTG A 6 0.81 2.32 -2.84
H71 CTG A 6 -1.17 -1.73 3.62
H72 CTG A 6 -0.77 -0.33 2.61
H73 CTG A 6 -1.77 -1.64 1.96
HO5 CTG A 6 0.88 -3.99 1.87
H3 CTG A 6 2.92 -0.38 3.42
H1' CTG A 6 1.26 1.61 -0.24
H2' CTG A 6 0.86 -0.88 -1.90
H2'' CTG A 6 2.14 0.29 -2.03
H3' CTG A 6 -0.04 0.56 -3.58
H4' CTG A 6 -1.47 2.18 -1.78
H5' CTG A 6 -2.42 0.29 -3.17
H5'' CTG A 6 -1.74 -0.83 -2.07
H6 CTG A 6 -0.24 -1.65 0.14
HO6 CTG A 6 2.43 -2.09 -0.06
P CTG A 6 -4.34 1.09 -1.51
OP1 CTG A 6 -4.42 1.78 -2.83
OP2 CTG A 6 -5.61 0.33 -1.33
O5' CTG A 6 -3.04 0.11 -1.31
C5' CTG A 6 -1.91 0.21 -2.20
C4' CTG A 6 -0.92 1.30 -1.77
O4' CTG A 6 -0.47 1.00 -0.42
C1' CTG A 6 0.95 0.83 -0.36
N1 CTG A 6 1.39 -0.12 0.68
C6 CTG A 6 0.77 -1.44 0.64
O6 CTG A 6 1.61 -2.35 -0.07
C2 CTG A 6 2.28 0.22 1.62
O2 CTG A 6 2.91 1.25 1.61
N3 CTG A 6 2.46 -0.58 2.64
C4 CTG A 6 1.73 -1.65 2.92
O4 CTG A 6 2.04 -2.27 3.90
C5 CTG A 6 0.51 -2.01 2.06
C5M CTG A 6 -0.72 -1.32 2.67
O5 CTG A 6 0.23 -3.42 1.98
C2' CTG A 6 1.33 0.45 -1.79
C3' CTG A 6 0.35 1.26 -2.66
O3' CTG A 6 0.91 2.57 -2.86
H71 CTG A 6 -0.90 -1.66 3.69
H72 CTG A 6 -0.57 -0.23 2.69
H73 CTG A 6 -1.61 -1.53 2.07
HO5 CTG A 6 0.97 -3.85 1.59
H3 CTG A 6 3.21 -0.36 3.26
H1' CTG A 6 1.37 1.81 -0.18
H2' CTG A 6 1.18 -0.59 -2.00
H2'' CTG A 6 2.34 0.73 -2.03
H3' CTG A 6 0.17 0.79 -3.61
H4' CTG A 6 -1.37 2.28 -1.81
H5' CTG A 6 -2.23 0.37 -3.21
H5'' CTG A 6 -1.41 -0.74 -2.19
H6 CTG A 6 -0.19 -1.39 0.13
HO6 CTG A 6 2.47 -1.96 -0.17
#